data_5F1W
#
_entry.id   5F1W
#
_cell.length_a   77.910
_cell.length_b   77.910
_cell.length_c   77.910
_cell.angle_alpha   90.00
_cell.angle_beta   90.00
_cell.angle_gamma   90.00
#
_symmetry.space_group_name_H-M   'P 21 3'
#
loop_
_entity.id
_entity.type
_entity.pdbx_description
1 polymer 'Macrocyclic peptide'
2 non-polymer 'SULFATE ION'
3 non-polymer (4S)-2-METHYL-2,4-PENTANEDIOL
4 water water
#
_entity_poly.entity_id   1
_entity_poly.type   'polypeptide(D)'
_entity_poly.pdbx_seq_one_letter_code
;(ORD)(DAL)(DVA)(DLE)(IOY)(DVA)G(DSN)(ORD)(DVA)(DHI)G(MV9)(DAL)(DTH)(DVA)
;
_entity_poly.pdbx_strand_id   A,B,C,D,E,F
#
loop_
_chem_comp.id
_chem_comp.type
_chem_comp.name
_chem_comp.formula
MPD non-polymer (4S)-2-METHYL-2,4-PENTANEDIOL 'C6 H14 O2'
SO4 non-polymer 'SULFATE ION' 'O4 S -2'
#
# COMPACT_ATOMS: atom_id res chain seq x y z
N ORD A 1 -8.59 9.93 -25.02
CA ORD A 1 -7.27 9.65 -24.36
CB ORD A 1 -6.89 8.16 -24.47
CG ORD A 1 -6.75 7.64 -25.92
CD ORD A 1 -6.71 6.12 -25.99
NE ORD A 1 -5.77 5.57 -25.03
O ORD A 1 -8.31 10.65 -22.40
C ORD A 1 -7.32 10.08 -22.87
H2 ORD A 1 -8.75 10.92 -25.20
H ORD A 1 -9.39 9.62 -24.47
H3 ORD A 1 -8.69 9.47 -25.93
HA ORD A 1 -6.55 10.30 -24.87
HB2 ORD A 1 -5.93 8.00 -23.97
HB3 ORD A 1 -7.68 7.56 -23.99
HG2 ORD A 1 -7.61 8.00 -26.50
HG3 ORD A 1 -5.83 8.04 -26.36
HD2 ORD A 1 -7.72 5.72 -25.76
HD3 ORD A 1 -6.40 5.82 -26.99
HE1 ORD A 1 -6.10 5.50 -24.07
N DAL A 2 -6.18 9.82 -22.13
CA DAL A 2 -6.09 10.17 -20.73
CB DAL A 2 -4.90 11.10 -20.49
C DAL A 2 -5.97 8.92 -19.87
O DAL A 2 -5.58 7.86 -20.36
H DAL A 2 -5.49 9.43 -22.44
HA DAL A 2 -6.89 10.65 -20.46
HB1 DAL A 2 -4.85 11.32 -19.55
HB2 DAL A 2 -5.02 11.90 -21.02
HB3 DAL A 2 -4.09 10.63 -20.76
N DVA A 3 -6.30 9.04 -18.58
CA DVA A 3 -6.24 7.93 -17.65
CB DVA A 3 -7.37 8.01 -16.61
CG1 DVA A 3 -7.38 6.75 -15.72
CG2 DVA A 3 -7.25 9.29 -15.78
C DVA A 3 -4.86 7.88 -16.99
O DVA A 3 -4.28 8.92 -16.67
H DVA A 3 -6.58 9.78 -18.23
HA DVA A 3 -6.35 7.10 -18.14
HB DVA A 3 -8.22 8.03 -17.08
HG11 DVA A 3 -6.66 6.15 -16.02
HG12 DVA A 3 -7.24 7.01 -14.81
HG13 DVA A 3 -8.23 6.30 -15.83
HG21 DVA A 3 -6.48 9.79 -16.09
HG22 DVA A 3 -8.06 9.81 -15.90
HG23 DVA A 3 -7.15 9.05 -14.85
N DLE A 4 -4.35 6.67 -16.79
CA DLE A 4 -3.00 6.49 -16.27
CB DLE A 4 -2.07 5.99 -17.38
CG DLE A 4 -2.14 6.72 -18.73
CD1 DLE A 4 -1.62 8.14 -18.60
CD2 DLE A 4 -1.37 5.95 -19.79
C DLE A 4 -2.98 5.49 -15.12
O DLE A 4 -3.83 4.61 -15.05
H DLE A 4 -4.76 5.94 -16.94
HA DLE A 4 -2.66 7.34 -15.94
HB2 DLE A 4 -2.28 5.06 -17.54
HB3 DLE A 4 -1.15 6.06 -17.06
HG DLE A 4 -3.07 6.76 -19.01
HD11 DLE A 4 -1.68 8.58 -19.47
HD12 DLE A 4 -2.16 8.62 -17.96
HD13 DLE A 4 -0.69 8.11 -18.31
HD21 DLE A 4 -1.76 5.07 -19.88
HD22 DLE A 4 -1.43 6.43 -20.64
HD23 DLE A 4 -0.45 5.87 -19.52
CG IOY A 5 -2.70 5.48 -10.95
CD1 IOY A 5 -3.29 4.32 -10.30
CE1 IOY A 5 -4.40 4.47 -9.51
CZ IOY A 5 -4.95 5.73 -9.33
I1 IOY A 5 -6.67 5.99 -8.11
CE2 IOY A 5 -4.36 6.88 -9.97
CD2 IOY A 5 -3.24 6.73 -10.76
CB IOY A 5 -1.43 5.32 -11.82
N IOY A 5 -2.01 5.65 -14.22
C IOY A 5 -0.50 3.92 -13.61
O IOY A 5 0.60 4.57 -13.83
CA IOY A 5 -1.72 4.66 -13.20
HD1 IOY A 5 -2.91 3.45 -10.41
HE1 IOY A 5 -4.81 3.68 -9.06
HE2 IOY A 5 -4.77 7.83 -9.84
HD2 IOY A 5 -2.83 7.55 -11.21
HB3 IOY A 5 -1.03 6.18 -11.96
HB2 IOY A 5 -0.82 4.79 -11.37
H IOY A 5 -1.42 6.39 -14.16
HA IOY A 5 -2.47 4.05 -13.12
N DVA A 6 -0.59 2.61 -13.75
CA DVA A 6 0.54 1.79 -14.17
CB DVA A 6 0.27 1.15 -15.56
CG1 DVA A 6 0.03 2.25 -16.60
CG2 DVA A 6 1.42 0.21 -15.97
C DVA A 6 0.86 0.73 -13.13
O DVA A 6 -0.03 0.05 -12.64
H DVA A 6 -1.32 2.16 -13.59
HA DVA A 6 1.32 2.36 -14.26
HB DVA A 6 -0.53 0.62 -15.50
HG11 DVA A 6 0.10 3.11 -16.18
HG12 DVA A 6 0.70 2.17 -17.31
HG13 DVA A 6 -0.85 2.12 -16.99
HG21 DVA A 6 2.09 0.21 -15.27
HG22 DVA A 6 1.06 -0.69 -16.10
HG23 DVA A 6 1.81 0.53 -16.80
N GLY A 7 2.14 0.61 -12.81
CA GLY A 7 2.61 -0.38 -11.84
C GLY A 7 3.99 -0.04 -11.31
N DSN A 8 4.35 -0.67 -10.20
CA DSN A 8 5.55 -0.42 -9.64
C DSN A 8 5.59 -0.68 -8.33
O DSN A 8 4.80 -1.40 -7.80
CB DSN A 8 6.83 -0.85 -10.39
OG DSN A 8 7.17 -2.20 -10.03
H DSN A 8 3.82 -1.27 -9.79
HA DSN A 8 5.54 0.55 -9.65
HB2 DSN A 8 7.57 -0.25 -10.14
HB3 DSN A 8 6.67 -0.80 -11.38
HG DSN A 8 6.43 -2.69 -9.99
N ORD A 9 4.05 -0.16 -3.21
CA ORD A 9 3.93 -0.42 -4.67
CB ORD A 9 4.50 0.75 -5.48
CG ORD A 9 6.03 0.88 -5.42
CD ORD A 9 6.75 -0.23 -6.20
NE ORD A 9 6.60 -0.04 -7.63
O ORD A 9 1.52 -0.20 -4.43
C ORD A 9 2.45 -0.65 -5.09
H2 ORD A 9 4.96 0.21 -2.94
H ORD A 9 3.37 0.52 -2.85
H3 ORD A 9 3.92 -0.99 -2.63
HA ORD A 9 4.46 -1.35 -4.86
HB2 ORD A 9 4.07 1.68 -5.09
HB3 ORD A 9 4.22 0.63 -6.53
HG2 ORD A 9 6.32 1.86 -5.85
HG3 ORD A 9 6.36 0.85 -4.37
HD2 ORD A 9 6.30 -1.19 -5.92
HD3 ORD A 9 7.82 -0.21 -5.94
HE1 ORD A 9 7.28 0.57 -8.07
N DVA A 10 2.25 -1.38 -6.23
CA DVA A 10 0.90 -1.65 -6.72
CB DVA A 10 0.61 -3.16 -6.76
CG1 DVA A 10 0.78 -3.77 -5.36
CG2 DVA A 10 -0.79 -3.43 -7.33
C DVA A 10 0.73 -1.00 -8.08
O DVA A 10 1.53 -1.23 -8.99
H DVA A 10 2.88 -1.71 -6.72
HA DVA A 10 0.26 -1.24 -6.12
HB DVA A 10 1.25 -3.58 -7.35
HG11 DVA A 10 1.04 -3.07 -4.75
HG12 DVA A 10 -0.06 -4.16 -5.09
HG13 DVA A 10 1.47 -4.45 -5.40
HG21 DVA A 10 -1.21 -2.58 -7.55
HG22 DVA A 10 -0.71 -3.97 -8.13
HG23 DVA A 10 -1.32 -3.89 -6.67
N DHI A 11 -0.32 -0.21 -8.22
CA DHI A 11 -0.62 0.42 -9.50
C DHI A 11 -2.03 0.02 -9.96
O DHI A 11 -2.91 -0.22 -9.14
CB DHI A 11 -0.51 1.95 -9.41
CG DHI A 11 0.89 2.43 -9.16
ND1 DHI A 11 1.39 2.63 -7.91
CD2 DHI A 11 1.88 2.75 -10.03
CE1 DHI A 11 2.64 3.06 -8.01
NE2 DHI A 11 2.96 3.14 -9.28
H DHI A 11 -0.87 -0.01 -7.60
HA DHI A 11 0.01 0.12 -10.17
HB2 DHI A 11 -1.06 2.25 -8.67
HB3 DHI A 11 -0.83 2.34 -10.24
HD2 DHI A 11 1.83 2.71 -10.97
HE1 DHI A 11 3.20 3.27 -7.30
HE2 DHI A 11 3.72 3.40 -9.60
N GLY A 12 -2.20 -0.06 -11.27
CA GLY A 12 -3.50 -0.32 -11.86
C GLY A 12 -3.91 0.81 -12.77
N MV9 A 13 -5.10 0.75 -13.37
CA MV9 A 13 -5.55 1.86 -14.19
C MV9 A 13 -5.57 1.52 -15.65
O MV9 A 13 -6.19 0.53 -16.07
CB MV9 A 13 -6.91 2.40 -13.77
CG1 MV9 A 13 -7.26 3.69 -14.49
CG2 MV9 A 13 -6.97 2.62 -12.26
CN MV9 A 13 -5.97 -0.43 -13.35
HA MV9 A 13 -4.83 2.68 -14.05
HB MV9 A 13 -7.68 1.64 -14.03
HG12 MV9 A 13 -7.13 3.56 -15.54
HG11 MV9 A 13 -6.62 4.46 -14.16
HG13 MV9 A 13 -8.27 3.95 -14.29
HG21 MV9 A 13 -6.70 1.74 -11.76
HG22 MV9 A 13 -6.30 3.41 -12.00
HG23 MV9 A 13 -7.95 2.90 -11.99
HN2 MV9 A 13 -5.58 -1.14 -12.68
HN1 MV9 A 13 -6.04 -0.84 -14.32
HN3 MV9 A 13 -6.94 -0.15 -13.02
N DAL A 14 -4.89 2.34 -16.46
CA DAL A 14 -4.79 2.11 -17.89
CB DAL A 14 -3.40 1.57 -18.21
C DAL A 14 -5.04 3.38 -18.68
O DAL A 14 -5.21 4.46 -18.11
H DAL A 14 -4.49 3.06 -16.19
HA DAL A 14 -5.44 1.45 -18.16
HB1 DAL A 14 -2.73 2.22 -17.95
HB2 DAL A 14 -3.34 1.41 -19.17
HB3 DAL A 14 -3.27 0.73 -17.74
N DTH A 15 -5.08 3.25 -20.00
CA DTH A 15 -5.25 4.40 -20.90
CB DTH A 15 -6.76 4.76 -20.92
CG2 DTH A 15 -7.68 3.68 -21.52
OG1 DTH A 15 -6.94 5.93 -21.72
C DTH A 15 -4.78 3.96 -22.30
O DTH A 15 -5.05 2.84 -22.73
H DTH A 15 -4.98 2.36 -20.47
HA DTH A 15 -4.66 5.25 -20.56
HB DTH A 15 -7.09 4.99 -19.91
HG21 DTH A 15 -8.73 3.84 -21.26
HG22 DTH A 15 -7.41 2.68 -21.17
HG23 DTH A 15 -7.62 3.66 -22.61
HG1 DTH A 15 -7.77 6.32 -21.49
N DVA A 16 -4.10 4.86 -23.00
CA DVA A 16 -3.59 4.60 -24.35
CB DVA A 16 -2.15 5.15 -24.49
CG1 DVA A 16 -1.50 4.65 -25.79
CG2 DVA A 16 -2.14 6.68 -24.38
C DVA A 16 -4.51 5.18 -25.43
O DVA A 16 -4.13 5.26 -26.60
H DVA A 16 -3.92 5.64 -22.71
HA DVA A 16 -3.54 3.65 -24.48
HB DVA A 16 -1.62 4.81 -23.75
HG11 DVA A 16 -2.13 4.09 -26.26
HG12 DVA A 16 -1.26 5.42 -26.34
HG13 DVA A 16 -0.70 4.14 -25.56
HG21 DVA A 16 -3.06 6.99 -24.25
HG22 DVA A 16 -1.60 6.95 -23.63
HG23 DVA A 16 -1.79 7.06 -25.20
N ORD B 1 -14.36 -5.35 3.20
CA ORD B 1 -12.96 -5.51 2.71
CB ORD B 1 -12.51 -6.98 2.80
CG ORD B 1 -13.11 -7.90 1.72
CD ORD B 1 -12.52 -7.64 0.32
NE ORD B 1 -11.11 -7.97 0.33
O ORD B 1 -12.13 -4.33 4.67
C ORD B 1 -11.97 -4.59 3.48
H2 ORD B 1 -14.79 -4.46 2.92
H ORD B 1 -14.99 -6.08 2.86
H3 ORD B 1 -14.43 -5.38 4.21
HA ORD B 1 -12.98 -5.15 1.67
HB2 ORD B 1 -12.82 -7.37 3.78
HB3 ORD B 1 -11.42 -7.02 2.69
HG2 ORD B 1 -12.93 -8.94 1.99
HG3 ORD B 1 -14.20 -7.74 1.68
HD2 ORD B 1 -13.03 -8.26 -0.41
HD3 ORD B 1 -12.62 -6.58 0.07
HE1 ORD B 1 -10.89 -8.96 0.27
N DAL B 2 -10.93 -4.10 2.73
CA DAL B 2 -9.92 -3.21 3.31
CB DAL B 2 -9.14 -2.51 2.20
C DAL B 2 -8.96 -4.02 4.19
O DAL B 2 -8.61 -5.14 3.84
H DAL B 2 -10.80 -4.26 1.90
HA DAL B 2 -10.35 -2.54 3.86
HB1 DAL B 2 -8.71 -3.19 1.64
HB2 DAL B 2 -8.47 -1.93 2.61
HB3 DAL B 2 -9.75 -1.98 1.67
N DVA B 3 -8.57 -3.44 5.32
CA DVA B 3 -7.50 -4.00 6.12
CB DVA B 3 -7.78 -3.84 7.63
CG1 DVA B 3 -9.10 -4.55 8.01
CG2 DVA B 3 -6.60 -4.37 8.47
C DVA B 3 -6.21 -3.30 5.70
O DVA B 3 -6.14 -2.07 5.70
H DVA B 3 -8.91 -2.72 5.63
HA DVA B 3 -7.41 -4.95 5.93
HB DVA B 3 -7.89 -2.89 7.84
HG11 DVA B 3 -9.47 -4.95 7.20
HG12 DVA B 3 -8.91 -5.23 8.66
HG13 DVA B 3 -9.71 -3.89 8.37
HG21 DVA B 3 -5.91 -4.70 7.87
HG22 DVA B 3 -6.26 -3.64 9.01
HG23 DVA B 3 -6.91 -5.08 9.04
N DLE B 4 -5.20 -4.09 5.33
CA DLE B 4 -3.97 -3.54 4.79
CB DLE B 4 -3.78 -4.00 3.34
CG DLE B 4 -4.88 -3.62 2.35
CD1 DLE B 4 -5.02 -2.11 2.21
CD2 DLE B 4 -4.56 -4.26 1.01
C DLE B 4 -2.74 -3.93 5.58
O DLE B 4 -2.74 -4.92 6.31
H DLE B 4 -5.21 -4.94 5.39
HA DLE B 4 -4.03 -2.57 4.78
HB2 DLE B 4 -3.72 -4.97 3.34
HB3 DLE B 4 -2.95 -3.63 3.02
HG DLE B 4 -5.73 -3.97 2.67
HD11 DLE B 4 -5.25 -1.73 3.07
HD12 DLE B 4 -4.18 -1.74 1.90
HD13 DLE B 4 -5.72 -1.91 1.57
HD21 DLE B 4 -4.53 -5.22 1.12
HD22 DLE B 4 -3.70 -3.93 0.71
HD23 DLE B 4 -5.25 -4.02 0.38
CG IOY B 5 1.29 -2.22 7.59
CD1 IOY B 5 2.30 -1.28 7.12
CE1 IOY B 5 3.53 -1.27 7.69
CZ IOY B 5 3.82 -2.14 8.73
I1 IOY B 5 5.75 -2.11 9.61
CE2 IOY B 5 2.82 -3.06 9.20
CD2 IOY B 5 1.57 -3.08 8.62
CB IOY B 5 -0.12 -2.20 6.95
N IOY B 5 -1.69 -3.14 5.41
C IOY B 5 0.57 -3.49 4.86
O IOY B 5 0.88 -2.44 4.20
CA IOY B 5 -0.38 -3.39 6.01
HD1 IOY B 5 2.11 -0.67 6.40
HE1 IOY B 5 4.24 -0.63 7.36
HE2 IOY B 5 3.04 -3.73 9.98
HD2 IOY B 5 0.86 -3.73 8.96
HB3 IOY B 5 -0.77 -2.21 7.64
HB2 IOY B 5 -0.21 -1.41 6.46
H IOY B 5 -1.67 -2.35 4.90
HA IOY B 5 -0.40 -4.23 6.50
N DVA B 6 1.04 -4.70 4.58
CA DVA B 6 1.83 -4.96 3.38
CB DVA B 6 1.04 -5.83 2.38
CG1 DVA B 6 0.72 -7.18 2.99
CG2 DVA B 6 -0.24 -5.12 1.95
C DVA B 6 3.17 -5.58 3.69
O DVA B 6 3.37 -6.14 4.76
H DVA B 6 0.93 -5.40 5.08
HA DVA B 6 2.00 -4.11 2.94
HB DVA B 6 1.58 -5.97 1.58
HG11 DVA B 6 1.08 -7.22 3.88
HG12 DVA B 6 -0.25 -7.29 3.01
HG13 DVA B 6 1.13 -7.88 2.44
HG21 DVA B 6 -0.72 -5.69 1.32
HG22 DVA B 6 -0.79 -4.96 2.73
HG23 DVA B 6 -0.01 -4.28 1.53
N GLY B 7 4.10 -5.49 2.74
CA GLY B 7 5.44 -6.01 2.89
C GLY B 7 6.50 -4.99 2.51
N DSN B 8 7.77 -5.32 2.77
CA DSN B 8 8.76 -4.49 2.46
C DSN B 8 9.94 -4.78 3.06
O DSN B 8 10.18 -5.89 3.46
CB DSN B 8 8.95 -4.04 1.00
OG DSN B 8 9.75 -4.99 0.28
H DSN B 8 7.98 -6.10 3.16
HA DSN B 8 8.49 -3.70 2.96
HB2 DSN B 8 8.06 -3.97 0.56
HB3 DSN B 8 9.40 -3.15 0.97
HG DSN B 8 10.53 -4.63 0.09
N ORD B 9 13.27 -5.55 7.32
CA ORD B 9 12.08 -5.70 6.44
CB ORD B 9 11.45 -4.32 6.18
CG ORD B 9 12.27 -3.44 5.22
CD ORD B 9 12.20 -3.93 3.77
NE ORD B 9 10.84 -3.75 3.15
O ORD B 9 11.13 -6.92 8.34
C ORD B 9 11.06 -6.64 7.14
H2 ORD B 9 13.48 -6.47 7.73
H ORD B 9 14.07 -5.37 6.71
HA ORD B 9 12.40 -6.16 5.50
HB2 ORD B 9 10.45 -4.46 5.74
HB3 ORD B 9 11.30 -3.79 7.12
HG2 ORD B 9 13.32 -3.44 5.55
HG3 ORD B 9 11.92 -2.40 5.28
HD2 ORD B 9 12.93 -3.40 3.17
HD3 ORD B 9 12.42 -5.00 3.72
HE1 ORD B 9 10.63 -2.82 2.79
N DVA B 10 10.08 -7.14 6.32
CA DVA B 10 9.03 -8.03 6.80
CB DVA B 10 9.28 -9.50 6.38
CG1 DVA B 10 10.63 -9.98 6.93
CG2 DVA B 10 8.11 -10.41 6.82
C DVA B 10 7.69 -7.53 6.29
O DVA B 10 7.46 -7.48 5.08
H DVA B 10 10.01 -6.95 5.48
HA DVA B 10 9.01 -8.00 7.77
HB DVA B 10 9.34 -9.53 5.42
HG11 DVA B 10 11.04 -9.27 7.44
HG12 DVA B 10 10.47 -10.76 7.51
HG13 DVA B 10 11.19 -10.24 6.19
HG21 DVA B 10 7.45 -9.86 7.28
HG22 DVA B 10 7.72 -10.81 6.03
HG23 DVA B 10 8.46 -11.08 7.42
N DHI B 11 6.83 -7.14 7.22
CA DHI B 11 5.48 -6.70 6.88
C DHI B 11 4.46 -7.58 7.58
O DHI B 11 4.80 -8.28 8.53
CB DHI B 11 5.26 -5.24 7.28
CG DHI B 11 6.13 -4.27 6.54
ND1 DHI B 11 7.45 -4.03 6.87
CD2 DHI B 11 5.86 -3.46 5.48
CE1 DHI B 11 7.96 -3.13 6.05
NE2 DHI B 11 7.01 -2.77 5.20
H DHI B 11 7.00 -7.13 8.06
HA DHI B 11 5.35 -6.78 5.92
HB2 DHI B 11 5.46 -5.15 8.23
HB3 DHI B 11 4.34 -5.00 7.12
HD2 DHI B 11 5.05 -3.39 5.04
HE1 DHI B 11 8.82 -2.80 6.07
HE2 DHI B 11 7.10 -2.19 4.57
N GLY B 12 3.23 -7.53 7.10
CA GLY B 12 2.14 -8.25 7.77
C GLY B 12 0.79 -7.65 7.46
N MV9 B 13 -0.26 -8.05 8.18
CA MV9 B 13 -1.58 -7.52 7.90
C MV9 B 13 -2.31 -8.42 6.95
O MV9 B 13 -2.26 -9.66 7.09
CB MV9 B 13 -2.41 -7.26 9.16
CG1 MV9 B 13 -3.76 -6.66 8.82
CG2 MV9 B 13 -1.69 -6.32 10.11
CN MV9 B 13 -0.21 -9.15 9.16
HA MV9 B 13 -1.43 -6.54 7.40
HB MV9 B 13 -2.57 -8.22 9.67
HG12 MV9 B 13 -4.24 -7.25 8.08
HG11 MV9 B 13 -3.64 -5.68 8.46
HG13 MV9 B 13 -4.37 -6.64 9.70
HG21 MV9 B 13 -0.71 -6.70 10.32
HG22 MV9 B 13 -1.59 -5.36 9.65
HG23 MV9 B 13 -2.24 -6.23 11.01
HN2 MV9 B 13 0.79 -9.44 9.33
HN1 MV9 B 13 -0.76 -9.98 8.78
HN3 MV9 B 13 -0.66 -8.84 10.07
N DAL B 14 -2.98 -7.82 5.98
CA DAL B 14 -3.79 -8.57 5.04
CB DAL B 14 -3.07 -8.73 3.71
C DAL B 14 -5.12 -7.85 4.84
O DAL B 14 -5.23 -6.66 5.11
H DAL B 14 -2.99 -6.97 5.85
HA DAL B 14 -3.97 -9.46 5.40
HB1 DAL B 14 -2.88 -7.85 3.35
HB2 DAL B 14 -3.62 -9.23 3.10
HB3 DAL B 14 -2.23 -9.20 3.86
N DTH B 15 -6.13 -8.59 4.39
CA DTH B 15 -7.41 -7.99 4.06
CB DTH B 15 -8.50 -8.54 5.01
CG2 DTH B 15 -8.22 -8.35 6.51
OG1 DTH B 15 -8.62 -9.93 4.78
C DTH B 15 -7.75 -8.40 2.61
O DTH B 15 -7.51 -9.55 2.23
H DTH B 15 -6.08 -9.59 4.25
HA DTH B 15 -7.36 -6.90 4.13
HB DTH B 15 -9.45 -8.06 4.78
HG21 DTH B 15 -8.15 -7.29 6.80
HG22 DTH B 15 -9.01 -8.79 7.14
HG23 DTH B 15 -7.29 -8.82 6.82
HG1 DTH B 15 -9.39 -10.07 4.22
N DVA B 16 -8.25 -7.47 1.82
CA DVA B 16 -8.70 -7.52 0.43
CB DVA B 16 -7.78 -6.72 -0.49
CG1 DVA B 16 -6.33 -7.21 -0.35
CG2 DVA B 16 -8.27 -6.81 -1.94
C DVA B 16 -10.13 -7.01 0.41
O DVA B 16 -10.37 -5.80 0.48
H DVA B 16 -8.38 -6.71 2.20
HA DVA B 16 -8.71 -8.44 0.13
HB DVA B 16 -7.80 -5.78 -0.22
HG11 DVA B 16 -6.31 -7.92 0.30
HG12 DVA B 16 -6.02 -7.53 -1.21
HG13 DVA B 16 -5.78 -6.47 -0.05
HG21 DVA B 16 -9.08 -7.36 -1.97
HG22 DVA B 16 -8.47 -5.92 -2.26
HG23 DVA B 16 -7.58 -7.20 -2.50
N ORD C 1 -1.05 4.97 0.43
CA ORD C 1 -1.55 3.67 -0.07
CB ORD C 1 -0.92 3.32 -1.41
CG ORD C 1 0.56 2.89 -1.30
CD ORD C 1 0.69 1.43 -0.83
NE ORD C 1 0.04 0.55 -1.77
O ORD C 1 -3.76 4.64 -0.43
C ORD C 1 -3.10 3.63 -0.17
H2 ORD C 1 -1.22 5.14 1.43
H ORD C 1 -1.46 5.78 -0.04
H3 ORD C 1 -0.03 5.10 0.32
HA ORD C 1 -1.27 2.94 0.71
HB2 ORD C 1 -1.47 2.46 -1.83
HB3 ORD C 1 -0.97 4.19 -2.09
HG2 ORD C 1 1.03 2.98 -2.29
HG3 ORD C 1 1.08 3.54 -0.60
HD2 ORD C 1 0.21 1.33 0.15
HD3 ORD C 1 1.76 1.17 -0.77
HE1 ORD C 1 0.50 0.42 -2.66
N DAL C 2 -3.66 2.40 0.04
CA DAL C 2 -5.10 2.20 -0.03
CB DAL C 2 -5.49 0.90 0.68
C DAL C 2 -5.57 2.15 -1.47
O DAL C 2 -4.89 1.58 -2.32
H DAL C 2 -3.22 1.69 0.22
HA DAL C 2 -5.56 2.93 0.42
HB1 DAL C 2 -6.44 0.79 0.62
HB2 DAL C 2 -5.21 0.96 1.60
HB3 DAL C 2 -5.04 0.16 0.24
N DVA C 3 -6.72 2.75 -1.75
CA DVA C 3 -7.36 2.62 -3.05
CB DVA C 3 -8.00 3.95 -3.50
CG1 DVA C 3 -6.93 5.05 -3.56
CG2 DVA C 3 -8.70 3.78 -4.86
C DVA C 3 -8.41 1.51 -2.95
O DVA C 3 -9.31 1.58 -2.10
H DVA C 3 -7.15 3.24 -1.19
HA DVA C 3 -6.70 2.35 -3.71
HB DVA C 3 -8.67 4.21 -2.86
HG11 DVA C 3 -6.08 4.68 -3.28
HG12 DVA C 3 -6.88 5.40 -4.46
HG13 DVA C 3 -7.20 5.77 -2.95
HG21 DVA C 3 -8.61 2.85 -5.15
HG22 DVA C 3 -9.65 3.99 -4.75
HG23 DVA C 3 -8.30 4.37 -5.50
N DLE C 4 -8.29 0.51 -3.81
CA DLE C 4 -9.13 -0.68 -3.72
CB DLE C 4 -8.26 -1.91 -3.45
CG DLE C 4 -7.37 -1.88 -2.21
CD1 DLE C 4 -8.21 -1.73 -0.94
CD2 DLE C 4 -6.53 -3.12 -2.15
C DLE C 4 -9.95 -0.95 -4.97
O DLE C 4 -9.55 -0.60 -6.09
H DLE C 4 -7.74 0.50 -4.47
HA DLE C 4 -9.74 -0.58 -2.98
HB2 DLE C 4 -7.67 -2.05 -4.21
HB3 DLE C 4 -8.84 -2.68 -3.37
HG DLE C 4 -6.78 -1.11 -2.26
HD11 DLE C 4 -8.71 -0.91 -0.98
HD12 DLE C 4 -8.80 -2.49 -0.86
HD13 DLE C 4 -7.60 -1.71 -0.17
HD21 DLE C 4 -7.10 -3.90 -2.11
HD22 DLE C 4 -5.97 -3.09 -1.35
HD23 DLE C 4 -5.96 -3.16 -2.95
CG IOY C 5 -14.52 -1.84 -6.42
CD1 IOY C 5 -14.66 -1.20 -7.71
CE1 IOY C 5 -15.67 -1.56 -8.55
CZ IOY C 5 -16.56 -2.53 -8.15
I1 IOY C 5 -18.14 -3.10 -9.46
CE2 IOY C 5 -16.43 -3.18 -6.87
CD2 IOY C 5 -15.41 -2.81 -6.02
CB IOY C 5 -13.38 -1.43 -5.45
N IOY C 5 -11.10 -1.59 -4.77
C IOY C 5 -11.96 -3.49 -5.88
O IOY C 5 -12.58 -4.18 -4.99
CA IOY C 5 -11.99 -2.00 -5.84
HD1 IOY C 5 -14.02 -0.52 -7.98
HE1 IOY C 5 -15.76 -1.11 -9.44
HE2 IOY C 5 -17.12 -3.91 -6.57
HD2 IOY C 5 -15.31 -3.26 -5.11
HB3 IOY C 5 -13.32 -0.48 -5.44
HB2 IOY C 5 -13.59 -1.72 -4.60
H IOY C 5 -11.44 -1.84 -3.93
HA IOY C 5 -11.70 -1.64 -6.69
N DVA C 6 -11.26 -4.05 -6.86
CA DVA C 6 -10.98 -5.48 -6.89
CB DVA C 6 -9.46 -5.76 -6.74
CG1 DVA C 6 -8.68 -5.15 -7.90
CG2 DVA C 6 -8.96 -5.23 -5.40
C DVA C 6 -11.53 -6.15 -8.15
O DVA C 6 -11.59 -5.52 -9.21
H DVA C 6 -10.92 -3.62 -7.53
HA DVA C 6 -11.42 -5.90 -6.14
HB DVA C 6 -9.32 -6.72 -6.75
HG11 DVA C 6 -7.74 -5.35 -7.77
HG12 DVA C 6 -8.99 -5.55 -8.73
HG13 DVA C 6 -8.82 -4.19 -7.91
HG21 DVA C 6 -8.01 -5.40 -5.33
HG22 DVA C 6 -9.12 -4.27 -5.37
HG23 DVA C 6 -9.44 -5.67 -4.69
N GLY C 7 -11.92 -7.41 -8.02
CA GLY C 7 -12.43 -8.17 -9.15
C GLY C 7 -13.50 -9.18 -8.76
N DSN C 8 -14.05 -9.87 -9.76
CA DSN C 8 -14.98 -10.79 -9.52
C DSN C 8 -15.81 -11.01 -10.55
O DSN C 8 -15.50 -10.69 -11.67
CB DSN C 8 -14.57 -12.08 -8.77
OG DSN C 8 -15.59 -12.48 -7.86
H DSN C 8 -13.79 -9.75 -10.61
HA DSN C 8 -15.56 -10.29 -8.91
HB2 DSN C 8 -13.73 -11.91 -8.26
HB3 DSN C 8 -14.42 -12.80 -9.44
HG DSN C 8 -15.85 -11.79 -7.37
N ORD C 9 -19.63 -9.65 -14.36
CA ORD C 9 -18.32 -9.71 -13.64
CB ORD C 9 -18.57 -9.56 -12.13
CG ORD C 9 -19.09 -10.84 -11.47
CD ORD C 9 -18.01 -11.92 -11.33
NE ORD C 9 -17.01 -11.62 -10.26
O ORD C 9 -17.75 -7.80 -15.05
C ORD C 9 -17.39 -8.61 -14.19
H2 ORD C 9 -20.09 -10.55 -14.25
H ORD C 9 -20.24 -9.00 -13.84
HA ORD C 9 -17.88 -10.70 -13.84
HB2 ORD C 9 -17.64 -9.28 -11.63
HB3 ORD C 9 -19.30 -8.74 -11.94
HG2 ORD C 9 -19.93 -11.25 -12.05
HG3 ORD C 9 -19.50 -10.62 -10.47
HD2 ORD C 9 -17.49 -12.05 -12.27
HD3 ORD C 9 -18.48 -12.88 -11.07
HE1 ORD C 9 -17.26 -11.89 -9.31
N DVA C 10 -16.14 -8.58 -13.63
CA DVA C 10 -15.14 -7.59 -14.04
CB DVA C 10 -14.18 -8.17 -15.09
CG1 DVA C 10 -14.95 -8.61 -16.33
CG2 DVA C 10 -13.11 -7.14 -15.47
C DVA C 10 -14.39 -7.10 -12.80
O DVA C 10 -13.80 -7.89 -12.07
H DVA C 10 -15.86 -9.13 -13.02
HA DVA C 10 -15.60 -6.84 -14.43
HB DVA C 10 -13.73 -8.95 -14.72
HG11 DVA C 10 -14.32 -8.96 -16.98
HG12 DVA C 10 -15.58 -9.30 -16.08
HG13 DVA C 10 -15.42 -7.84 -16.70
HG21 DVA C 10 -13.27 -6.33 -14.96
HG22 DVA C 10 -12.24 -7.51 -15.26
HG23 DVA C 10 -13.18 -6.95 -16.42
N DHI C 11 -14.40 -5.79 -12.60
CA DHI C 11 -13.71 -5.19 -11.48
C DHI C 11 -12.86 -4.02 -11.96
O DHI C 11 -13.08 -3.49 -13.04
CB DHI C 11 -14.69 -4.70 -10.43
CG DHI C 11 -15.51 -5.79 -9.81
ND1 DHI C 11 -16.64 -6.33 -10.42
CD2 DHI C 11 -15.38 -6.45 -8.63
CE1 DHI C 11 -17.15 -7.27 -9.64
NE2 DHI C 11 -16.41 -7.36 -8.55
H DHI C 11 -14.81 -5.23 -13.11
HA DHI C 11 -13.12 -5.85 -11.07
HB2 DHI C 11 -15.32 -4.07 -10.84
HB3 DHI C 11 -14.22 -4.26 -9.72
HD1 DHI C 11 -16.94 -6.09 -11.19
HD2 DHI C 11 -14.71 -6.31 -8.00
HE1 DHI C 11 -17.90 -7.77 -9.83
N GLY C 12 -11.89 -3.61 -11.14
CA GLY C 12 -11.06 -2.48 -11.47
C GLY C 12 -10.49 -1.78 -10.26
N MV9 C 13 -9.89 -0.61 -10.43
CA MV9 C 13 -9.30 0.06 -9.27
C MV9 C 13 -7.83 -0.25 -9.18
O MV9 C 13 -7.07 -0.07 -10.16
CB MV9 C 13 -9.51 1.58 -9.27
CG1 MV9 C 13 -8.92 2.24 -8.03
CG2 MV9 C 13 -10.99 1.93 -9.33
CN MV9 C 13 -9.62 0.01 -11.73
HA MV9 C 13 -9.79 -0.33 -8.37
HB MV9 C 13 -9.02 2.01 -10.15
HG12 MV9 C 13 -7.91 1.93 -7.91
HG11 MV9 C 13 -9.47 1.96 -7.18
HG13 MV9 C 13 -8.94 3.29 -8.14
HG21 MV9 C 13 -11.43 1.46 -10.17
HG22 MV9 C 13 -11.47 1.60 -8.46
HG23 MV9 C 13 -11.10 2.99 -9.42
HN2 MV9 C 13 -10.13 -0.52 -12.49
HN1 MV9 C 13 -8.58 0.00 -11.92
HN3 MV9 C 13 -9.96 1.02 -11.72
N DAL C 14 -7.42 -0.73 -8.01
CA DAL C 14 -6.01 -0.97 -7.71
CB DAL C 14 -5.77 -2.44 -7.46
C DAL C 14 -5.62 -0.15 -6.50
O DAL C 14 -6.45 0.22 -5.68
H DAL C 14 -7.95 -0.93 -7.36
HA DAL C 14 -5.48 -0.69 -8.47
HB1 DAL C 14 -6.31 -2.71 -6.70
HB2 DAL C 14 -4.83 -2.57 -7.27
HB3 DAL C 14 -6.03 -2.94 -8.25
N DTH C 15 -4.32 0.13 -6.37
CA DTH C 15 -3.81 0.85 -5.21
CB DTH C 15 -3.23 2.22 -5.64
CG2 DTH C 15 -4.21 3.20 -6.31
OG1 DTH C 15 -2.19 1.97 -6.57
C DTH C 15 -2.71 -0.03 -4.61
O DTH C 15 -1.87 -0.57 -5.34
H DTH C 15 -3.62 -0.11 -7.06
HA DTH C 15 -4.62 1.00 -4.47
HB DTH C 15 -2.79 2.71 -4.76
HG21 DTH C 15 -4.96 3.58 -5.60
HG22 DTH C 15 -4.77 2.73 -7.13
HG23 DTH C 15 -3.71 4.08 -6.73
HG1 DTH C 15 -1.77 2.81 -6.77
N DVA C 16 -2.71 -0.18 -3.29
CA DVA C 16 -1.73 -0.97 -2.57
CB DVA C 16 -2.33 -2.27 -2.02
CG1 DVA C 16 -2.89 -3.13 -3.17
CG2 DVA C 16 -1.30 -3.04 -1.18
C DVA C 16 -1.16 -0.08 -1.47
O DVA C 16 -1.74 0.05 -0.39
H DVA C 16 -3.28 0.21 -2.78
HA DVA C 16 -0.99 -1.19 -3.17
HB DVA C 16 -3.08 -2.05 -1.43
HG11 DVA C 16 -2.74 -2.66 -4.01
HG12 DVA C 16 -2.42 -3.98 -3.19
HG13 DVA C 16 -3.83 -3.26 -3.04
HG21 DVA C 16 -0.47 -2.54 -1.17
HG22 DVA C 16 -1.63 -3.15 -0.27
HG23 DVA C 16 -1.15 -3.91 -1.58
N ORD D 1 2.28 -8.19 26.41
CA ORD D 1 3.49 -7.48 25.91
CB ORD D 1 3.44 -5.99 26.30
CG ORD D 1 3.57 -5.72 27.82
CD ORD D 1 4.98 -5.25 28.21
NE ORD D 1 5.33 -3.98 27.57
O ORD D 1 2.85 -8.28 23.70
C ORD D 1 3.63 -7.59 24.36
H2 ORD D 1 2.04 -7.95 27.38
H ORD D 1 1.44 -8.00 25.87
H3 ORD D 1 2.38 -9.21 26.40
HA ORD D 1 4.34 -7.99 26.35
HB2 ORD D 1 4.28 -5.49 25.82
HB3 ORD D 1 2.49 -5.54 25.96
HG2 ORD D 1 2.85 -4.93 28.09
HG3 ORD D 1 3.32 -6.63 28.37
HD2 ORD D 1 5.70 -6.00 27.89
HD3 ORD D 1 5.01 -5.11 29.30
HE1 ORD D 1 4.93 -3.14 28.00
N DAL D 2 4.67 -6.89 23.81
CA DAL D 2 4.93 -6.89 22.38
CB DAL D 2 6.43 -6.93 22.12
C DAL D 2 4.31 -5.65 21.74
O DAL D 2 4.32 -4.57 22.33
H DAL D 2 5.21 -6.40 24.26
HA DAL D 2 4.53 -7.67 21.98
HB1 DAL D 2 6.84 -6.14 22.52
HB2 DAL D 2 6.58 -6.93 21.16
HB3 DAL D 2 6.80 -7.73 22.52
N DVA D 3 3.78 -5.81 20.53
CA DVA D 3 3.19 -4.69 19.80
CB DVA D 3 1.85 -5.10 19.14
CG1 DVA D 3 0.89 -5.66 20.21
CG2 DVA D 3 1.24 -3.92 18.38
C DVA D 3 4.19 -4.20 18.77
O DVA D 3 4.81 -4.98 18.06
H DVA D 3 3.74 -6.56 20.11
HA DVA D 3 3.01 -3.96 20.42
HB DVA D 3 2.02 -5.81 18.51
HG11 DVA D 3 1.33 -5.65 21.08
HG12 DVA D 3 0.10 -5.11 20.23
HG13 DVA D 3 0.67 -6.57 19.98
HG21 DVA D 3 1.82 -3.15 18.47
HG22 DVA D 3 1.14 -4.16 17.45
HG23 DVA D 3 0.37 -3.71 18.77
N DLE D 4 4.35 -2.88 18.69
CA DLE D 4 5.33 -2.27 17.81
CB DLE D 4 6.41 -1.54 18.62
CG DLE D 4 7.11 -2.34 19.72
CD1 DLE D 4 7.94 -3.48 19.14
CD2 DLE D 4 7.99 -1.42 20.56
C DLE D 4 4.70 -1.27 16.84
O DLE D 4 3.80 -0.52 17.20
H DLE D 4 3.90 -2.30 19.15
HA DLE D 4 5.77 -2.96 17.28
HB2 DLE D 4 5.99 -0.77 19.05
HB3 DLE D 4 7.09 -1.23 18.01
HG DLE D 4 6.45 -2.73 20.31
HD11 DLE D 4 8.60 -3.10 18.54
HD12 DLE D 4 8.37 -3.95 19.85
HD13 DLE D 4 7.35 -4.06 18.64
HD21 DLE D 4 7.42 -0.74 20.96
HD22 DLE D 4 8.43 -1.93 21.25
HD23 DLE D 4 8.65 -1.00 19.98
CG IOY D 5 3.20 -1.29 12.96
CD1 IOY D 5 2.18 -0.28 12.64
CE1 IOY D 5 0.89 -0.65 12.43
CZ IOY D 5 0.53 -1.99 12.51
I1 IOY D 5 -1.47 -2.56 12.18
CE2 IOY D 5 1.54 -2.99 12.82
CD2 IOY D 5 2.84 -2.61 13.03
CB IOY D 5 4.67 -0.86 13.20
N IOY D 5 5.19 -1.28 15.60
C IOY D 5 5.97 0.72 14.60
O IOY D 5 7.17 0.31 14.35
CA IOY D 5 4.85 -0.25 14.62
HD1 IOY D 5 2.43 0.65 12.59
HE1 IOY D 5 0.20 0.04 12.22
HE2 IOY D 5 1.27 -4.00 12.88
HD2 IOY D 5 3.55 -3.32 13.25
HB3 IOY D 5 5.25 -1.62 13.09
HB2 IOY D 5 4.90 -0.22 12.57
H IOY D 5 5.77 -1.92 15.23
HA IOY D 5 4.03 0.19 14.88
N DVA D 6 5.66 1.99 14.83
CA DVA D 6 6.70 3.02 14.88
CB DVA D 6 6.81 3.64 16.29
CG1 DVA D 6 7.01 2.54 17.34
CG2 DVA D 6 7.93 4.69 16.34
C DVA D 6 6.41 4.09 13.84
O DVA D 6 5.30 4.59 13.73
H DVA D 6 4.88 2.29 14.97
HA DVA D 6 7.56 2.62 14.66
HB DVA D 6 5.98 4.09 16.49
HG11 DVA D 6 7.01 1.67 16.91
HG12 DVA D 6 7.85 2.69 17.81
HG13 DVA D 6 6.27 2.58 17.98
HG21 DVA D 6 8.35 4.75 15.46
HG22 DVA D 6 7.55 5.55 16.58
HG23 DVA D 6 8.59 4.42 17.00
N GLY D 7 7.44 4.45 13.06
CA GLY D 7 7.31 5.46 12.03
C GLY D 7 8.42 5.42 10.99
N DSN D 8 8.12 5.96 9.82
CA DSN D 8 9.02 5.95 8.81
C DSN D 8 8.46 6.11 7.60
O DSN D 8 7.37 6.57 7.47
CB DSN D 8 10.34 6.72 9.00
OG DSN D 8 10.27 7.99 8.33
H DSN D 8 7.32 6.34 9.65
HA DSN D 8 9.24 5.00 8.79
HB2 DSN D 8 10.50 6.87 9.96
HB3 DSN D 8 11.09 6.18 8.61
HG DSN D 8 9.70 8.51 8.76
N ORD D 9 5.18 4.98 3.46
CA ORD D 9 5.59 5.33 4.85
CB ORD D 9 6.67 4.35 5.34
CG ORD D 9 8.06 4.54 4.70
CD ORD D 9 8.75 5.83 5.16
NE ORD D 9 9.24 5.72 6.53
O ORD D 9 3.43 4.55 5.64
C ORD D 9 4.39 5.29 5.83
H2 ORD D 9 5.97 4.78 2.84
H ORD D 9 4.57 4.16 3.40
H3 ORD D 9 4.67 5.73 2.99
HA ORD D 9 5.94 6.35 4.81
HB2 ORD D 9 6.34 3.32 5.12
HB3 ORD D 9 6.78 4.48 6.43
HG2 ORD D 9 8.69 3.69 4.99
HG3 ORD D 9 7.95 4.56 3.62
HD2 ORD D 9 8.02 6.65 5.13
HD3 ORD D 9 9.60 6.03 4.50
HE1 ORD D 9 10.17 5.32 6.63
N DVA D 10 4.48 6.13 6.90
CA DVA D 10 3.42 6.21 7.90
CB DVA D 10 2.93 7.66 8.09
CG1 DVA D 10 2.46 8.23 6.76
CG2 DVA D 10 1.83 7.73 9.16
C DVA D 10 3.93 5.62 9.21
O DVA D 10 5.04 5.90 9.64
H DVA D 10 5.14 6.66 7.05
HA DVA D 10 2.66 5.67 7.60
HB DVA D 10 3.68 8.19 8.40
HG11 DVA D 10 2.57 7.56 6.07
HG12 DVA D 10 1.53 8.49 6.83
HG13 DVA D 10 3.00 9.02 6.55
HG21 DVA D 10 1.66 6.84 9.50
HG22 DVA D 10 2.12 8.31 9.87
HG23 DVA D 10 1.03 8.09 8.76
N DHI D 11 3.10 4.79 9.85
CA DHI D 11 3.47 4.18 11.12
C DHI D 11 2.37 4.33 12.15
O DHI D 11 1.19 4.40 11.82
CB DHI D 11 3.79 2.69 10.94
CG DHI D 11 5.01 2.43 10.11
ND1 DHI D 11 4.93 2.05 8.79
CD2 DHI D 11 6.32 2.50 10.41
CE1 DHI D 11 6.15 1.89 8.31
NE2 DHI D 11 7.01 2.15 9.28
H DHI D 11 2.32 4.57 9.56
HA DHI D 11 4.27 4.62 11.46
HB2 DHI D 11 3.03 2.27 10.50
HB3 DHI D 11 3.93 2.30 11.81
HD1 DHI D 11 4.20 1.93 8.34
HD2 DHI D 11 6.69 2.73 11.23
HE1 DHI D 11 6.37 1.62 7.45
N GLY D 12 2.77 4.37 13.42
CA GLY D 12 1.84 4.40 14.53
C GLY D 12 2.04 3.17 15.40
N MV9 D 13 1.25 3.01 16.47
CA MV9 D 13 1.35 1.79 17.26
C MV9 D 13 1.84 2.01 18.67
O MV9 D 13 1.46 3.01 19.32
CB MV9 D 13 0.02 1.02 17.30
CG1 MV9 D 13 0.17 -0.37 17.90
CG2 MV9 D 13 -0.60 0.90 15.91
CN MV9 D 13 0.26 4.00 16.91
HA MV9 D 13 2.07 1.13 16.76
HB MV9 D 13 -0.68 1.60 17.94
HG12 MV9 D 13 0.68 -0.30 18.83
HG11 MV9 D 13 0.74 -0.98 17.24
HG13 MV9 D 13 -0.78 -0.79 18.05
HG21 MV9 D 13 -0.69 1.87 15.48
HG22 MV9 D 13 0.03 0.30 15.30
HG23 MV9 D 13 -1.56 0.46 15.99
HN2 MV9 D 13 0.25 4.81 16.23
HN1 MV9 D 13 0.52 4.35 17.87
HN3 MV9 D 13 -0.70 3.55 16.94
N DAL D 14 2.68 1.10 19.15
CA DAL D 14 3.24 1.20 20.50
CB DAL D 14 4.60 1.88 20.45
C DAL D 14 3.35 -0.17 21.16
O DAL D 14 3.18 -1.20 20.51
H DAL D 14 2.94 0.41 18.72
HA DAL D 14 2.64 1.75 21.04
HB1 DAL D 14 5.19 1.36 19.90
HB2 DAL D 14 4.95 1.94 21.36
HB3 DAL D 14 4.50 2.77 20.08
N DTH D 15 3.62 -0.18 22.46
CA DTH D 15 3.82 -1.41 23.22
CB DTH D 15 2.47 -1.76 23.90
CG2 DTH D 15 1.44 -2.47 23.00
OG1 DTH D 15 1.86 -0.55 24.33
C DTH D 15 4.89 -1.16 24.30
O DTH D 15 5.19 0.00 24.60
H DTH D 15 3.71 0.67 23.01
HA DTH D 15 4.13 -2.22 22.56
HB DTH D 15 2.66 -2.38 24.78
HG21 DTH D 15 1.07 -3.39 23.45
HG22 DTH D 15 0.57 -1.85 22.79
HG23 DTH D 15 1.87 -2.75 22.03
HG1 DTH D 15 1.95 -0.50 25.28
N DVA D 16 5.46 -2.21 24.88
CA DVA D 16 6.45 -2.56 25.88
CB DVA D 16 7.89 -2.52 25.31
CG1 DVA D 16 8.21 -1.12 24.78
CG2 DVA D 16 8.92 -2.99 26.35
C DVA D 16 6.15 -3.95 26.47
O DVA D 16 6.63 -4.95 25.96
H DVA D 16 5.09 -2.89 24.50
HA DVA D 16 6.41 -1.92 26.61
HB DVA D 16 7.93 -3.13 24.55
HG11 DVA D 16 7.45 -0.54 24.92
HG12 DVA D 16 8.98 -0.77 25.26
HG13 DVA D 16 8.42 -1.18 23.84
HG21 DVA D 16 8.45 -3.23 27.17
HG22 DVA D 16 9.38 -3.77 26.00
HG23 DVA D 16 9.55 -2.28 26.52
N ORD E 1 0.89 -20.41 13.31
CA ORD E 1 2.09 -19.80 12.65
CB ORD E 1 3.21 -19.52 13.68
CG ORD E 1 3.54 -20.70 14.64
CD ORD E 1 4.53 -20.26 15.74
NE ORD E 1 5.26 -19.09 15.32
O ORD E 1 0.57 -17.99 12.09
C ORD E 1 1.69 -18.48 11.94
H2 ORD E 1 0.34 -19.73 13.84
H ORD E 1 0.25 -20.83 12.65
H3 ORD E 1 1.13 -21.15 13.97
HA ORD E 1 2.40 -20.51 11.88
HB2 ORD E 1 4.13 -19.27 13.13
HB3 ORD E 1 2.90 -18.67 14.30
HG2 ORD E 1 4.00 -21.51 14.06
HG3 ORD E 1 2.62 -21.05 15.11
HD2 ORD E 1 3.96 -20.02 16.64
HD3 ORD E 1 5.23 -21.08 15.93
HE1 ORD E 1 4.88 -18.20 15.60
N DAL E 2 2.63 -17.91 11.12
CA DAL E 2 2.34 -16.67 10.40
CB DAL E 2 3.14 -16.61 9.11
C DAL E 2 2.68 -15.47 11.29
O DAL E 2 3.71 -15.45 11.94
H DAL E 2 3.42 -18.23 10.98
HA DAL E 2 1.40 -16.64 10.19
HB1 DAL E 2 2.93 -15.78 8.65
HB2 DAL E 2 2.89 -17.37 8.55
HB3 DAL E 2 4.09 -16.65 9.32
N DVA E 3 1.79 -14.48 11.30
CA DVA E 3 2.02 -13.26 12.06
CB DVA E 3 0.71 -12.69 12.63
CG1 DVA E 3 0.06 -13.71 13.58
CG2 DVA E 3 0.95 -11.34 13.33
C DVA E 3 2.72 -12.25 11.16
O DVA E 3 2.17 -11.79 10.17
H DVA E 3 1.03 -14.49 10.88
HA DVA E 3 2.61 -13.46 12.80
HB DVA E 3 0.09 -12.53 11.91
HG11 DVA E 3 0.62 -14.50 13.61
HG12 DVA E 3 0.00 -13.31 14.46
HG13 DVA E 3 -0.81 -13.94 13.25
HG21 DVA E 3 0.43 -10.66 12.89
HG22 DVA E 3 1.90 -11.12 13.26
HG23 DVA E 3 0.70 -11.41 14.26
N DLE E 4 3.97 -11.93 11.52
CA DLE E 4 4.78 -11.02 10.72
CB DLE E 4 5.90 -11.80 10.02
CG DLE E 4 5.47 -12.95 9.11
CD1 DLE E 4 4.75 -12.43 7.87
CD2 DLE E 4 6.67 -13.81 8.73
C DLE E 4 5.39 -9.93 11.58
O DLE E 4 5.81 -10.17 12.71
H DLE E 4 4.36 -12.21 12.22
HA DLE E 4 4.23 -10.60 10.03
HB2 DLE E 4 6.48 -12.17 10.70
HB3 DLE E 4 6.40 -11.17 9.47
HG DLE E 4 4.85 -13.52 9.60
HD11 DLE E 4 5.36 -11.85 7.38
HD12 DLE E 4 3.97 -11.93 8.15
HD13 DLE E 4 4.49 -13.19 7.32
HD21 DLE E 4 6.37 -14.53 8.15
HD22 DLE E 4 7.07 -14.16 9.54
HD23 DLE E 4 7.32 -13.25 8.26
CG IOY E 5 3.68 -6.66 12.11
CD1 IOY E 5 2.81 -7.56 11.34
CE1 IOY E 5 1.57 -7.87 11.79
CZ IOY E 5 1.11 -7.34 12.98
I1 IOY E 5 -0.84 -7.82 13.69
CE2 IOY E 5 1.96 -6.46 13.75
CD2 IOY E 5 3.21 -6.13 13.29
CB IOY E 5 5.10 -6.32 11.58
N IOY E 5 5.43 -8.72 11.04
C IOY E 5 7.36 -7.36 11.13
O IOY E 5 7.50 -7.19 9.85
CA IOY E 5 6.02 -7.58 11.73
HD1 IOY E 5 3.12 -7.93 10.52
HE1 IOY E 5 0.98 -8.49 11.26
HE2 IOY E 5 1.61 -6.05 14.65
HD2 IOY E 5 3.82 -5.50 13.85
HB3 IOY E 5 5.04 -6.08 10.66
HB2 IOY E 5 5.45 -5.62 12.07
H IOY E 5 5.11 -8.48 10.18
HA IOY E 5 6.12 -7.78 12.67
N DVA E 6 8.40 -7.39 11.96
CA DVA E 6 9.78 -7.37 11.49
CB DVA E 6 10.46 -8.72 11.79
CG1 DVA E 6 9.77 -9.84 11.01
CG2 DVA E 6 11.94 -8.67 11.45
C DVA E 6 10.55 -6.20 12.10
O DVA E 6 10.49 -5.97 13.31
H DVA E 6 8.32 -7.42 12.82
HA DVA E 6 9.77 -7.25 10.53
HB DVA E 6 10.38 -8.91 12.73
HG11 DVA E 6 9.04 -9.47 10.49
HG12 DVA E 6 10.42 -10.26 10.42
HG13 DVA E 6 9.43 -10.49 11.65
HG21 DVA E 6 12.34 -9.53 11.64
HG22 DVA E 6 12.05 -8.47 10.50
HG23 DVA E 6 12.36 -7.98 11.99
N GLY E 7 11.27 -5.47 11.26
CA GLY E 7 12.05 -4.34 11.73
C GLY E 7 12.63 -3.49 10.62
N DSN E 8 13.15 -2.32 11.00
CA DSN E 8 13.71 -1.49 10.11
C DSN E 8 13.76 -0.23 10.54
O DSN E 8 13.72 0.04 11.71
CB DSN E 8 14.98 -1.95 9.35
OG DSN E 8 14.98 -1.49 8.00
H DSN E 8 13.14 -2.06 11.86
HA DSN E 8 13.00 -1.43 9.44
HB2 DSN E 8 15.01 -2.94 9.36
HB3 DSN E 8 15.78 -1.59 9.82
HG DSN E 8 15.76 -1.12 7.81
N ORD E 9 11.76 4.43 12.35
CA ORD E 9 11.94 2.95 12.35
CB ORD E 9 11.61 2.37 10.96
CG ORD E 9 12.55 2.80 9.82
CD ORD E 9 13.93 2.16 9.92
NE ORD E 9 13.86 0.75 9.57
O ORD E 9 10.08 2.89 13.92
C ORD E 9 11.02 2.29 13.41
H2 ORD E 9 12.20 4.88 13.16
H ORD E 9 12.16 4.88 11.53
H3 ORD E 9 10.78 4.72 12.37
HA ORD E 9 12.98 2.77 12.65
HB2 ORD E 9 10.59 2.68 10.69
HB3 ORD E 9 11.65 1.27 11.02
HG2 ORD E 9 12.09 2.51 8.86
HG3 ORD E 9 12.65 3.89 9.84
HD2 ORD E 9 14.28 2.25 10.95
HD3 ORD E 9 14.60 2.67 9.23
HE1 ORD E 9 13.90 0.53 8.58
N DVA E 10 11.35 0.99 13.73
CA DVA E 10 10.58 0.22 14.71
CB DVA E 10 11.25 0.22 16.11
CG1 DVA E 10 11.48 1.65 16.62
CG2 DVA E 10 10.42 -0.61 17.10
C DVA E 10 10.41 -1.20 14.20
O DVA E 10 11.38 -1.83 13.77
H DVA E 10 12.00 0.55 13.39
HA DVA E 10 9.70 0.61 14.80
HB DVA E 10 12.12 -0.19 16.03
HG11 DVA E 10 11.15 2.29 15.95
HG12 DVA E 10 10.99 1.78 17.45
HG13 DVA E 10 12.43 1.79 16.76
HG21 DVA E 10 9.64 -0.96 16.65
HG22 DVA E 10 10.97 -1.33 17.44
HG23 DVA E 10 10.15 -0.03 17.84
N DHI E 11 9.18 -1.70 14.24
CA DHI E 11 8.88 -3.06 13.79
C DHI E 11 8.13 -3.82 14.88
O DHI E 11 7.14 -3.33 15.40
CB DHI E 11 8.04 -3.01 12.51
CG DHI E 11 8.63 -2.18 11.42
ND1 DHI E 11 9.31 -2.73 10.34
CD2 DHI E 11 8.65 -0.84 11.23
CE1 DHI E 11 9.71 -1.76 9.54
NE2 DHI E 11 9.32 -0.61 10.05
H DHI E 11 8.49 -1.27 14.54
HA DHI E 11 9.70 -3.53 13.59
HB2 DHI E 11 7.17 -2.64 12.72
HB3 DHI E 11 7.94 -3.92 12.17
HD1 DHI E 11 9.44 -3.56 10.23
HD2 DHI E 11 8.27 -0.20 11.79
HE1 DHI E 11 10.19 -1.87 8.75
N GLY E 12 8.61 -5.01 15.20
CA GLY E 12 7.99 -5.85 16.21
C GLY E 12 7.42 -7.13 15.65
N MV9 E 13 6.80 -7.98 16.49
CA MV9 E 13 6.22 -9.21 15.95
C MV9 E 13 7.12 -10.39 16.17
O MV9 E 13 7.58 -10.63 17.31
CB MV9 E 13 4.83 -9.51 16.52
CG1 MV9 E 13 4.21 -10.73 15.86
CG2 MV9 E 13 3.90 -8.32 16.37
CN MV9 E 13 6.81 -7.84 17.94
HA MV9 E 13 6.10 -9.07 14.86
HB MV9 E 13 4.95 -9.73 17.60
HG12 MV9 E 13 3.96 -10.50 14.86
HG11 MV9 E 13 3.32 -11.00 16.37
HG13 MV9 E 13 4.88 -11.54 15.89
HG21 MV9 E 13 4.33 -7.46 16.80
HG22 MV9 E 13 3.72 -8.15 15.35
HG23 MV9 E 13 2.98 -8.53 16.86
HN2 MV9 E 13 7.21 -6.89 18.21
HN1 MV9 E 13 7.39 -8.61 18.37
HN3 MV9 E 13 5.81 -7.91 18.30
N DAL E 14 7.39 -11.15 15.11
CA DAL E 14 8.32 -12.27 15.18
CB DAL E 14 8.99 -12.48 13.83
C DAL E 14 7.64 -13.55 15.63
O DAL E 14 6.60 -13.93 15.08
H DAL E 14 7.05 -11.03 14.33
HA DAL E 14 9.01 -12.06 15.83
HB1 DAL E 14 9.48 -11.67 13.58
HB2 DAL E 14 8.32 -12.66 13.17
HB3 DAL E 14 9.61 -13.22 13.90
N DTH E 15 8.20 -14.19 16.65
CA DTH E 15 7.69 -15.48 17.12
CB DTH E 15 8.41 -15.82 18.45
CG2 DTH E 15 7.83 -17.01 19.22
OG1 DTH E 15 8.32 -14.69 19.31
C DTH E 15 8.07 -16.52 16.03
O DTH E 15 9.23 -16.91 15.92
H DTH E 15 9.00 -13.84 17.15
HA DTH E 15 6.62 -15.45 17.26
HB DTH E 15 9.47 -16.01 18.24
HG21 DTH E 15 6.77 -17.17 18.98
HG22 DTH E 15 8.35 -17.95 18.98
HG23 DTH E 15 7.89 -16.88 20.30
HG1 DTH E 15 9.12 -14.19 19.21
N DVA E 16 7.08 -16.96 15.25
CA DVA E 16 7.10 -17.92 14.16
CB DVA E 16 6.44 -17.32 12.89
CG1 DVA E 16 7.10 -15.98 12.52
CG2 DVA E 16 6.47 -18.32 11.73
C DVA E 16 6.40 -19.21 14.55
O DVA E 16 6.86 -20.30 14.20
H DVA E 16 6.30 -16.62 15.41
HA DVA E 16 8.02 -18.12 13.94
HB DVA E 16 5.51 -17.14 13.09
HG11 DVA E 16 7.47 -16.06 11.63
HG12 DVA E 16 7.80 -15.80 13.17
HG13 DVA E 16 6.42 -15.28 12.55
HG21 DVA E 16 5.57 -18.51 11.45
HG22 DVA E 16 6.91 -19.13 12.02
HG23 DVA E 16 6.97 -17.93 10.99
N ORD F 1 -6.05 25.19 -8.17
CA ORD F 1 -4.84 24.33 -8.35
CB ORD F 1 -4.42 24.34 -9.82
CG ORD F 1 -3.62 25.57 -10.26
CD ORD F 1 -2.12 25.45 -9.92
NE ORD F 1 -1.54 24.32 -10.62
O ORD F 1 -6.22 22.52 -7.50
C ORD F 1 -5.10 22.89 -7.86
H2 ORD F 1 -6.23 25.44 -7.19
H ORD F 1 -6.92 24.75 -8.49
H3 ORD F 1 -5.99 26.08 -8.67
HA ORD F 1 -4.07 24.77 -7.70
HB2 ORD F 1 -5.33 24.28 -10.44
HB3 ORD F 1 -3.79 23.45 -10.01
HG2 ORD F 1 -3.72 25.70 -11.34
HG3 ORD F 1 -4.03 26.46 -9.76
HD2 ORD F 1 -1.60 26.37 -10.24
HD3 ORD F 1 -2.01 25.29 -8.85
HE1 ORD F 1 -1.40 24.43 -11.62
N DAL F 2 -4.00 22.07 -7.83
CA DAL F 2 -4.11 20.68 -7.39
CB DAL F 2 -2.92 20.30 -6.53
C DAL F 2 -4.20 19.73 -8.59
O DAL F 2 -3.62 20.00 -9.64
H DAL F 2 -3.21 22.30 -8.08
HA DAL F 2 -4.92 20.56 -6.86
HB1 DAL F 2 -3.01 19.39 -6.25
HB2 DAL F 2 -2.90 20.89 -5.75
HB3 DAL F 2 -2.11 20.42 -7.05
N DVA F 3 -4.94 18.65 -8.43
CA DVA F 3 -5.00 17.60 -9.43
CB DVA F 3 -6.45 17.12 -9.68
CG1 DVA F 3 -7.32 18.30 -10.14
CG2 DVA F 3 -6.47 15.96 -10.68
C DVA F 3 -4.11 16.46 -8.98
O DVA F 3 -4.41 15.76 -8.02
H DVA F 3 -5.43 18.49 -7.73
HA DVA F 3 -4.65 17.95 -10.27
HB DVA F 3 -6.81 16.80 -8.84
HG11 DVA F 3 -6.78 19.10 -10.18
HG12 DVA F 3 -7.69 18.10 -11.01
HG13 DVA F 3 -8.04 18.42 -9.50
HG21 DVA F 3 -5.57 15.76 -10.95
HG22 DVA F 3 -6.87 15.18 -10.25
HG23 DVA F 3 -7.00 16.22 -11.45
N DLE F 4 -2.99 16.28 -9.69
CA DLE F 4 -1.97 15.31 -9.27
CB DLE F 4 -0.67 16.02 -8.92
CG DLE F 4 -0.74 17.00 -7.74
CD1 DLE F 4 -1.04 16.28 -6.44
CD2 DLE F 4 0.56 17.78 -7.63
C DLE F 4 -1.69 14.29 -10.36
O DLE F 4 -2.09 14.47 -11.52
H DLE F 4 -2.79 16.70 -10.40
HA DLE F 4 -2.29 14.83 -8.48
HB2 DLE F 4 -0.38 16.53 -9.69
HB3 DLE F 4 -0.01 15.36 -8.69
HG DLE F 4 -1.46 17.64 -7.90
HD11 DLE F 4 -1.07 16.93 -5.72
HD12 DLE F 4 -0.33 15.64 -6.28
HD13 DLE F 4 -1.89 15.83 -6.52
HD21 DLE F 4 0.70 18.28 -8.45
HD22 DLE F 4 1.29 17.16 -7.49
HD23 DLE F 4 0.50 18.39 -6.89
CG IOY F 5 -2.72 10.93 -10.10
CD1 IOY F 5 -3.66 10.20 -10.95
CE1 IOY F 5 -5.01 10.30 -10.72
CZ IOY F 5 -5.48 11.09 -9.69
I1 IOY F 5 -7.56 11.28 -9.31
CE2 IOY F 5 -4.54 11.82 -8.85
CD2 IOY F 5 -3.20 11.71 -9.08
CB IOY F 5 -1.18 10.82 -10.36
N IOY F 5 -0.99 13.24 -9.99
C IOY F 5 0.87 12.21 -10.98
O IOY F 5 1.57 12.13 -9.89
CA IOY F 5 -0.61 12.17 -10.90
HD1 IOY F 5 -3.34 9.66 -11.67
HE1 IOY F 5 -5.65 9.80 -11.31
HE2 IOY F 5 -4.90 12.41 -8.07
HD2 IOY F 5 -2.54 12.22 -8.47
HB3 IOY F 5 -0.74 10.62 -9.52
HB2 IOY F 5 -1.00 10.14 -10.96
H IOY F 5 -0.66 13.07 -9.12
HA IOY F 5 -0.99 12.34 -11.77
N DVA F 6 1.41 12.34 -12.18
CA DVA F 6 2.84 12.58 -12.36
CB DVA F 6 3.10 14.02 -12.87
CG1 DVA F 6 2.49 15.04 -11.91
CG2 DVA F 6 4.60 14.26 -13.09
C DVA F 6 3.44 11.55 -13.31
O DVA F 6 2.87 11.25 -14.35
H DVA F 6 0.97 12.31 -12.92
HA DVA F 6 3.28 12.48 -11.51
HB DVA F 6 2.66 14.13 -13.73
HG11 DVA F 6 2.06 14.57 -11.17
HG12 DVA F 6 3.20 15.62 -11.57
HG13 DVA F 6 1.84 15.57 -12.38
HG21 DVA F 6 5.09 13.45 -12.86
HG22 DVA F 6 4.75 14.49 -14.01
HG23 DVA F 6 4.89 14.99 -12.52
N GLY F 7 4.60 11.01 -12.93
CA GLY F 7 5.30 10.05 -13.76
C GLY F 7 6.49 9.41 -13.08
N DSN F 8 6.98 8.32 -13.68
CA DSN F 8 8.02 7.65 -13.16
C DSN F 8 8.04 6.36 -13.50
O DSN F 8 7.40 5.96 -14.43
CB DSN F 8 9.41 8.32 -13.16
OG DSN F 8 10.04 8.15 -11.88
H DSN F 8 6.63 8.01 -14.44
HA DSN F 8 7.73 7.60 -12.22
HB2 DSN F 8 9.31 9.29 -13.35
HB3 DSN F 8 9.98 7.91 -13.86
HG DSN F 8 10.71 7.58 -11.96
N ORD F 9 6.25 1.33 -13.99
CA ORD F 9 6.17 2.82 -14.12
CB ORD F 9 6.42 3.50 -12.76
CG ORD F 9 7.84 3.33 -12.21
CD ORD F 9 8.90 4.10 -13.00
NE ORD F 9 8.81 5.53 -12.72
O ORD F 9 3.82 2.50 -14.72
C ORD F 9 4.79 3.26 -14.68
H2 ORD F 9 7.03 1.02 -13.43
H ORD F 9 5.41 0.92 -13.56
H3 ORD F 9 6.34 0.86 -14.89
HA ORD F 9 6.92 3.09 -14.87
HB2 ORD F 9 5.72 3.05 -12.03
HB3 ORD F 9 6.22 4.57 -12.86
HG2 ORD F 9 7.85 3.68 -11.16
HG3 ORD F 9 8.11 2.26 -12.21
HD2 ORD F 9 8.71 3.95 -14.07
HD3 ORD F 9 9.89 3.75 -12.73
HE1 ORD F 9 9.35 5.86 -11.92
N DVA F 10 4.73 4.55 -15.15
CA DVA F 10 3.51 5.12 -15.71
CB DVA F 10 3.55 5.13 -17.26
CG1 DVA F 10 3.71 3.71 -17.80
CG2 DVA F 10 2.30 5.83 -17.83
C DVA F 10 3.33 6.53 -15.16
O DVA F 10 4.26 7.34 -15.17
H DVA F 10 5.40 5.10 -15.14
HA DVA F 10 2.76 4.59 -15.43
HB DVA F 10 4.33 5.63 -17.54
HG11 DVA F 10 3.75 3.09 -17.06
HG12 DVA F 10 2.94 3.50 -18.36
HG13 DVA F 10 4.53 3.65 -18.33
HG21 DVA F 10 1.74 6.13 -17.10
HG22 DVA F 10 2.58 6.59 -18.36
HG23 DVA F 10 1.82 5.20 -18.39
N DHI F 11 2.13 6.82 -14.67
CA DHI F 11 1.82 8.11 -14.08
C DHI F 11 0.58 8.72 -14.74
O DHI F 11 -0.48 8.10 -14.75
CB DHI F 11 1.59 7.97 -12.58
CG DHI F 11 2.69 7.23 -11.87
ND1 DHI F 11 3.67 7.88 -11.16
CD2 DHI F 11 2.96 5.91 -11.78
CE1 DHI F 11 4.51 6.99 -10.65
NE2 DHI F 11 4.10 5.78 -11.01
H DHI F 11 1.47 6.26 -14.65
HA DHI F 11 2.57 8.72 -14.22
HB2 DHI F 11 0.77 7.47 -12.43
HB3 DHI F 11 1.52 8.85 -12.18
HD1 DHI F 11 3.75 8.74 -11.06
HD2 DHI F 11 2.48 5.22 -12.16
HE1 DHI F 11 5.25 7.17 -10.13
N GLY F 12 0.73 9.92 -15.26
CA GLY F 12 -0.36 10.59 -15.94
C GLY F 12 -0.97 11.69 -15.09
N MV9 F 13 -2.09 12.28 -15.51
CA MV9 F 13 -2.71 13.29 -14.66
C MV9 F 13 -2.32 14.68 -15.08
O MV9 F 13 -2.33 15.01 -16.29
CB MV9 F 13 -4.24 13.19 -14.63
CG1 MV9 F 13 -4.87 14.20 -13.66
CG2 MV9 F 13 -4.70 11.79 -14.24
CN MV9 F 13 -2.64 12.11 -16.86
HA MV9 F 13 -2.37 13.13 -13.64
HB MV9 F 13 -4.63 13.40 -15.64
HG12 MV9 F 13 -4.49 15.17 -13.88
HG11 MV9 F 13 -4.63 13.93 -12.68
HG13 MV9 F 13 -5.92 14.20 -13.79
HG21 MV9 F 13 -4.26 11.08 -14.88
HG22 MV9 F 13 -4.41 11.60 -13.23
HG23 MV9 F 13 -5.76 11.74 -14.31
HN2 MV9 F 13 -2.13 11.33 -17.36
HN1 MV9 F 13 -2.52 13.01 -17.40
HN3 MV9 F 13 -3.68 11.87 -16.79
N DAL F 14 -1.96 15.51 -14.10
CA DAL F 14 -1.59 16.89 -14.36
CB DAL F 14 -0.09 17.07 -14.22
C DAL F 14 -2.32 17.81 -13.39
O DAL F 14 -2.67 17.41 -12.28
H DAL F 14 -1.93 15.28 -13.26
HA DAL F 14 -1.85 17.13 -15.26
HB1 DAL F 14 0.13 18.00 -14.40
HB2 DAL F 14 0.35 16.50 -14.86
HB3 DAL F 14 0.17 16.84 -13.32
N DTH F 15 -2.57 19.04 -13.82
CA DTH F 15 -3.16 20.05 -12.95
CB DTH F 15 -4.20 20.85 -13.77
CG2 DTH F 15 -4.73 22.12 -13.06
OG1 DTH F 15 -5.33 20.03 -14.00
C DTH F 15 -1.98 20.95 -12.54
O DTH F 15 -1.25 21.41 -13.43
H DTH F 15 -2.37 19.35 -14.77
HA DTH F 15 -3.61 19.59 -12.07
HB DTH F 15 -3.77 21.14 -14.72
HG21 DTH F 15 -4.26 23.03 -13.45
HG22 DTH F 15 -4.52 22.10 -11.98
HG23 DTH F 15 -5.81 22.24 -13.17
HG1 DTH F 15 -5.72 20.31 -14.83
N DVA F 16 -1.76 21.19 -11.26
CA DVA F 16 -0.66 22.03 -10.80
CB DVA F 16 0.40 21.21 -10.04
CG1 DVA F 16 0.89 20.05 -10.91
CG2 DVA F 16 1.55 22.12 -9.59
C DVA F 16 -1.23 23.15 -9.94
O DVA F 16 -1.42 23.00 -8.75
H DVA F 16 -2.25 20.88 -10.62
HA DVA F 16 -0.23 22.43 -11.58
HB DVA F 16 -0.01 20.84 -9.25
HG11 DVA F 16 0.43 20.06 -11.75
HG12 DVA F 16 1.84 20.13 -11.04
HG13 DVA F 16 0.70 19.21 -10.44
HG21 DVA F 16 1.38 23.02 -9.88
HG22 DVA F 16 1.62 22.09 -8.62
HG23 DVA F 16 2.38 21.79 -9.98
S SO4 G . -6.09 -4.29 13.44
O1 SO4 G . -6.81 -5.20 12.55
O2 SO4 G . -5.76 -4.98 14.69
O3 SO4 G . -6.92 -3.12 13.73
O4 SO4 G . -4.85 -3.85 12.79
C1 MPD H . 3.67 -9.68 2.59
C2 MPD H . 4.05 -10.96 3.33
O2 MPD H . 3.87 -12.07 2.41
CM MPD H . 5.51 -10.98 3.78
C3 MPD H . 3.15 -11.15 4.56
C4 MPD H . 1.72 -11.54 4.18
O4 MPD H . 1.59 -12.94 4.25
C5 MPD H . 0.67 -10.91 5.10
H11 MPD H . 2.84 -9.20 3.12
H12 MPD H . 3.36 -9.92 1.58
H13 MPD H . 4.52 -9.01 2.57
HO2 MPD H . 3.21 -12.70 2.77
HM1 MPD H . 5.56 -11.11 4.85
HM2 MPD H . 5.98 -10.03 3.51
HM3 MPD H . 6.04 -11.80 3.28
H31 MPD H . 3.57 -11.92 5.20
H32 MPD H . 3.12 -10.22 5.12
H4 MPD H . 1.53 -11.20 3.16
HO4 MPD H . 0.90 -13.24 3.62
H51 MPD H . 0.09 -11.70 5.58
H52 MPD H . 0.00 -10.28 4.51
H53 MPD H . 1.16 -10.32 5.86
C1 MPD I . -8.94 -7.94 -11.11
C2 MPD I . -8.96 -7.01 -12.31
O2 MPD I . -8.05 -7.53 -13.31
CM MPD I . -10.35 -6.92 -12.96
C3 MPD I . -8.53 -5.59 -11.90
C4 MPD I . -7.05 -5.54 -11.51
O4 MPD I . -6.29 -6.25 -12.46
C5 MPD I . -6.55 -4.10 -11.44
H11 MPD I . -8.60 -7.39 -10.23
H12 MPD I . -8.24 -8.76 -11.31
H13 MPD I . -9.93 -8.35 -10.94
HO2 MPD I . -7.36 -6.87 -13.50
HM1 MPD I . -10.69 -5.88 -12.97
HM2 MPD I . -11.05 -7.53 -12.39
HM3 MPD I . -10.29 -7.29 -13.99
H31 MPD I . -8.71 -4.91 -12.71
H32 MPD I . -9.13 -5.28 -11.05
H4 MPD I . -6.93 -5.99 -10.53
HO4 MPD I . -5.35 -6.31 -12.15
H51 MPD I . -5.73 -3.96 -12.14
H52 MPD I . -6.22 -3.88 -10.43
H53 MPD I . -7.37 -3.42 -11.70
#